data_2AO6
#
_entry.id   2AO6
#
_cell.length_a   54.580
_cell.length_b   66.700
_cell.length_c   69.400
_cell.angle_alpha   90.00
_cell.angle_beta   90.00
_cell.angle_gamma   90.00
#
_symmetry.space_group_name_H-M   'P 21 21 21'
#
loop_
_entity.id
_entity.type
_entity.pdbx_description
1 polymer 'androgen receptor'
2 polymer '14-mer fragment of Nuclear receptor coactivator 2'
3 non-polymer (17BETA)-17-HYDROXY-17-METHYLESTRA-4,9,11-TRIEN-3-ONE
4 water water
#
loop_
_entity_poly.entity_id
_entity_poly.type
_entity_poly.pdbx_seq_one_letter_code
_entity_poly.pdbx_strand_id
1 'polypeptide(L)'
;PIFLNVLEAIEPGVVCAGHDNNQPDSFAALLSSLNELGERQLVHVVKWAKALPGFRNLHVDDQMAVIQYSWMGLMVFAMG
WRSFTNVNSRMLYFAPDLVFNEYRMHKSRMYSQCVRMRHLSQEFGWLQITPQEFLCMKALLLFSIIPVDGLKNQKFFDEL
RMNYIKELDRIIACKRKNPTSCSRRFYQLTKLLDSVQPIARELHQFTFDLLIKSHMVSVDFPEMMAEIISVQVPKILSGK
VKPIYFHTQ
;
A
2 'polypeptide(L)' KENALLRYLLDKDDGNAALRYLLGA B
#
loop_
_chem_comp.id
_chem_comp.type
_chem_comp.name
_chem_comp.formula
R18 non-polymer (17BETA)-17-HYDROXY-17-METHYLESTRA-4,9,11-TRIEN-3-ONE 'C19 H24 O2'
#
# COMPACT_ATOMS: atom_id res chain seq x y z
N PRO A 1 -8.82 -12.13 19.68
CA PRO A 1 -7.75 -13.00 20.19
C PRO A 1 -6.73 -13.45 19.14
N ILE A 2 -6.72 -14.75 18.83
CA ILE A 2 -5.78 -15.33 17.89
C ILE A 2 -5.45 -14.51 16.65
N PHE A 3 -6.46 -14.21 15.83
CA PHE A 3 -6.24 -13.44 14.61
C PHE A 3 -5.56 -12.09 14.86
N LEU A 4 -6.12 -11.30 15.77
CA LEU A 4 -5.54 -9.98 16.09
C LEU A 4 -4.16 -10.09 16.73
N ASN A 5 -3.94 -11.14 17.51
CA ASN A 5 -2.63 -11.33 18.13
C ASN A 5 -1.60 -11.43 17.02
N VAL A 6 -1.94 -12.17 15.97
CA VAL A 6 -1.03 -12.39 14.86
C VAL A 6 -0.75 -11.11 14.09
N LEU A 7 -1.79 -10.39 13.68
CA LEU A 7 -1.59 -9.14 12.95
C LEU A 7 -0.73 -8.14 13.73
N GLU A 8 -0.92 -8.05 15.04
CA GLU A 8 -0.12 -7.12 15.83
C GLU A 8 1.34 -7.58 15.87
N ALA A 9 1.53 -8.89 16.02
CA ALA A 9 2.87 -9.47 16.11
C ALA A 9 3.71 -9.31 14.84
N ILE A 10 3.09 -9.43 13.68
CA ILE A 10 3.83 -9.33 12.42
C ILE A 10 3.93 -7.93 11.83
N GLU A 11 3.27 -6.95 12.43
CA GLU A 11 3.30 -5.58 11.91
C GLU A 11 4.74 -5.05 11.83
N PRO A 12 5.17 -4.63 10.63
CA PRO A 12 6.52 -4.11 10.44
C PRO A 12 6.84 -2.93 11.35
N GLY A 13 8.12 -2.78 11.68
CA GLY A 13 8.54 -1.68 12.51
C GLY A 13 8.83 -0.47 11.65
N VAL A 14 9.54 0.51 12.21
CA VAL A 14 9.88 1.73 11.48
C VAL A 14 10.84 1.48 10.31
N VAL A 15 10.55 2.12 9.18
CA VAL A 15 11.38 2.00 7.98
C VAL A 15 11.87 3.38 7.57
N CYS A 16 13.19 3.58 7.50
CA CYS A 16 13.75 4.87 7.11
C CYS A 16 14.10 4.92 5.61
N ALA A 17 14.08 6.13 5.06
CA ALA A 17 14.37 6.34 3.64
C ALA A 17 15.83 6.56 3.33
N GLY A 18 16.58 7.11 4.29
CA GLY A 18 17.98 7.39 4.08
C GLY A 18 18.12 8.73 3.34
N HIS A 19 17.11 9.57 3.49
CA HIS A 19 17.09 10.88 2.84
C HIS A 19 18.00 11.89 3.53
N ASP A 20 18.65 12.73 2.75
CA ASP A 20 19.53 13.75 3.31
C ASP A 20 18.73 15.03 3.50
N ASN A 21 18.27 15.25 4.72
CA ASN A 21 17.47 16.41 5.07
C ASN A 21 18.27 17.71 5.21
N ASN A 22 19.60 17.61 5.14
CA ASN A 22 20.45 18.78 5.27
C ASN A 22 20.59 19.52 3.95
N GLN A 23 20.32 18.83 2.86
CA GLN A 23 20.42 19.41 1.53
C GLN A 23 19.11 20.11 1.18
N PRO A 24 19.15 21.13 0.32
CA PRO A 24 17.90 21.81 -0.04
C PRO A 24 17.05 20.87 -0.89
N ASP A 25 15.73 20.97 -0.74
CA ASP A 25 14.82 20.10 -1.48
C ASP A 25 14.93 20.24 -2.99
N SER A 26 14.94 19.09 -3.67
CA SER A 26 15.00 19.08 -5.13
C SER A 26 14.10 17.95 -5.63
N PHE A 27 13.54 18.13 -6.82
CA PHE A 27 12.66 17.14 -7.43
C PHE A 27 13.29 15.75 -7.47
N ALA A 28 14.47 15.67 -8.08
CA ALA A 28 15.17 14.40 -8.22
C ALA A 28 15.55 13.73 -6.90
N ALA A 29 16.01 14.51 -5.93
CA ALA A 29 16.41 13.94 -4.64
C ALA A 29 15.22 13.42 -3.85
N LEU A 30 14.11 14.17 -3.84
CA LEU A 30 12.93 13.73 -3.09
C LEU A 30 12.33 12.47 -3.71
N LEU A 31 12.24 12.43 -5.04
CA LEU A 31 11.67 11.26 -5.70
C LEU A 31 12.60 10.05 -5.61
N SER A 32 13.91 10.28 -5.69
CA SER A 32 14.84 9.16 -5.56
C SER A 32 14.74 8.58 -4.16
N SER A 33 14.56 9.43 -3.15
CA SER A 33 14.43 8.95 -1.79
C SER A 33 13.14 8.17 -1.62
N LEU A 34 12.06 8.68 -2.18
CA LEU A 34 10.79 7.98 -2.10
C LEU A 34 10.91 6.60 -2.75
N ASN A 35 11.55 6.51 -3.92
CA ASN A 35 11.73 5.23 -4.59
C ASN A 35 12.53 4.25 -3.75
N GLU A 36 13.59 4.73 -3.10
CA GLU A 36 14.41 3.86 -2.27
C GLU A 36 13.57 3.39 -1.07
N LEU A 37 12.77 4.29 -0.52
CA LEU A 37 11.93 3.94 0.61
C LEU A 37 10.89 2.91 0.15
N GLY A 38 10.40 3.09 -1.07
CA GLY A 38 9.41 2.16 -1.61
C GLY A 38 9.99 0.76 -1.72
N GLU A 39 11.24 0.68 -2.14
CA GLU A 39 11.92 -0.60 -2.26
C GLU A 39 12.05 -1.21 -0.86
N ARG A 40 12.50 -0.40 0.09
CA ARG A 40 12.66 -0.89 1.46
C ARG A 40 11.34 -1.38 2.03
N GLN A 41 10.25 -0.65 1.76
CA GLN A 41 8.96 -1.05 2.26
C GLN A 41 8.45 -2.31 1.54
N LEU A 42 8.79 -2.46 0.27
CA LEU A 42 8.37 -3.65 -0.47
C LEU A 42 8.97 -4.89 0.20
N VAL A 43 10.22 -4.78 0.62
CA VAL A 43 10.89 -5.89 1.28
C VAL A 43 10.11 -6.27 2.54
N HIS A 44 9.70 -5.27 3.30
CA HIS A 44 8.93 -5.51 4.52
C HIS A 44 7.53 -6.04 4.23
N VAL A 45 6.95 -5.63 3.11
CA VAL A 45 5.62 -6.14 2.76
C VAL A 45 5.67 -7.64 2.48
N VAL A 46 6.73 -8.10 1.84
CA VAL A 46 6.86 -9.53 1.55
C VAL A 46 7.01 -10.34 2.84
N LYS A 47 7.86 -9.88 3.75
CA LYS A 47 8.08 -10.58 5.02
C LYS A 47 6.79 -10.63 5.85
N TRP A 48 6.03 -9.53 5.76
CA TRP A 48 4.77 -9.39 6.47
C TRP A 48 3.71 -10.33 5.88
N ALA A 49 3.49 -10.21 4.57
CA ALA A 49 2.51 -11.04 3.87
C ALA A 49 2.77 -12.53 4.06
N LYS A 50 4.03 -12.91 4.07
CA LYS A 50 4.39 -14.32 4.25
C LYS A 50 3.91 -14.86 5.59
N ALA A 51 3.75 -13.98 6.57
CA ALA A 51 3.33 -14.40 7.91
C ALA A 51 1.86 -14.19 8.20
N LEU A 52 1.08 -13.76 7.21
CA LEU A 52 -0.35 -13.54 7.41
C LEU A 52 -1.08 -14.87 7.45
N PRO A 53 -2.12 -14.98 8.30
CA PRO A 53 -2.87 -16.24 8.36
C PRO A 53 -3.38 -16.69 6.99
N GLY A 54 -3.06 -17.92 6.63
CA GLY A 54 -3.51 -18.49 5.37
C GLY A 54 -2.86 -18.03 4.06
N PHE A 55 -1.94 -17.06 4.11
CA PHE A 55 -1.32 -16.56 2.90
C PHE A 55 -0.54 -17.61 2.09
N ARG A 56 0.22 -18.45 2.77
CA ARG A 56 1.00 -19.47 2.08
C ARG A 56 0.12 -20.58 1.50
N ASN A 57 -1.18 -20.49 1.74
CA ASN A 57 -2.13 -21.47 1.21
C ASN A 57 -2.38 -21.13 -0.26
N LEU A 58 -2.08 -19.88 -0.63
CA LEU A 58 -2.25 -19.42 -2.00
C LEU A 58 -1.19 -20.01 -2.89
N HIS A 59 -1.51 -20.17 -4.17
CA HIS A 59 -0.52 -20.68 -5.12
C HIS A 59 0.63 -19.67 -5.11
N VAL A 60 1.85 -20.16 -5.24
CA VAL A 60 3.01 -19.27 -5.21
C VAL A 60 2.96 -18.15 -6.25
N ASP A 61 2.46 -18.44 -7.45
CA ASP A 61 2.37 -17.41 -8.47
C ASP A 61 1.35 -16.36 -8.08
N ASP A 62 0.35 -16.75 -7.30
CA ASP A 62 -0.68 -15.82 -6.85
C ASP A 62 -0.16 -14.99 -5.68
N GLN A 63 0.73 -15.57 -4.89
CA GLN A 63 1.32 -14.85 -3.76
C GLN A 63 2.08 -13.67 -4.35
N MET A 64 2.87 -13.95 -5.39
CA MET A 64 3.66 -12.94 -6.06
C MET A 64 2.76 -11.86 -6.64
N ALA A 65 1.69 -12.30 -7.29
CA ALA A 65 0.74 -11.40 -7.92
C ALA A 65 0.07 -10.40 -6.98
N VAL A 66 -0.61 -10.88 -5.94
CA VAL A 66 -1.29 -9.96 -5.03
C VAL A 66 -0.30 -9.00 -4.37
N ILE A 67 0.90 -9.48 -4.08
CA ILE A 67 1.88 -8.59 -3.47
C ILE A 67 2.23 -7.47 -4.45
N GLN A 68 2.51 -7.84 -5.71
CA GLN A 68 2.89 -6.87 -6.72
C GLN A 68 1.77 -5.89 -7.11
N TYR A 69 0.51 -6.32 -7.06
CA TYR A 69 -0.58 -5.44 -7.42
C TYR A 69 -1.02 -4.55 -6.25
N SER A 70 -0.97 -5.11 -5.05
CA SER A 70 -1.41 -4.39 -3.84
C SER A 70 -0.41 -3.47 -3.17
N TRP A 71 0.87 -3.65 -3.50
CA TRP A 71 1.96 -2.87 -2.92
C TRP A 71 1.68 -1.37 -2.75
N MET A 72 1.27 -0.70 -3.82
CA MET A 72 0.99 0.74 -3.74
C MET A 72 -0.08 1.08 -2.71
N GLY A 73 -1.21 0.40 -2.78
CA GLY A 73 -2.31 0.65 -1.85
C GLY A 73 -1.90 0.40 -0.41
N LEU A 74 -1.16 -0.68 -0.19
CA LEU A 74 -0.69 -1.00 1.14
C LEU A 74 0.20 0.12 1.68
N MET A 75 1.11 0.63 0.85
CA MET A 75 2.00 1.70 1.31
C MET A 75 1.24 2.98 1.61
N VAL A 76 0.26 3.30 0.77
CA VAL A 76 -0.54 4.50 0.95
C VAL A 76 -1.36 4.46 2.24
N PHE A 77 -1.97 3.31 2.49
CA PHE A 77 -2.80 3.13 3.68
C PHE A 77 -1.96 3.22 4.96
N ALA A 78 -0.84 2.51 5.00
CA ALA A 78 0.02 2.53 6.17
C ALA A 78 0.59 3.93 6.40
N MET A 79 0.96 4.61 5.32
CA MET A 79 1.51 5.94 5.42
C MET A 79 0.45 6.90 5.98
N GLY A 80 -0.80 6.71 5.55
CA GLY A 80 -1.88 7.57 6.03
C GLY A 80 -2.07 7.37 7.54
N TRP A 81 -1.89 6.14 7.99
CA TRP A 81 -2.03 5.83 9.40
C TRP A 81 -0.88 6.45 10.18
N ARG A 82 0.33 6.31 9.66
CA ARG A 82 1.51 6.88 10.33
C ARG A 82 1.38 8.39 10.47
N SER A 83 0.87 9.03 9.42
CA SER A 83 0.70 10.48 9.41
C SER A 83 -0.30 10.89 10.49
N PHE A 84 -1.40 10.15 10.57
CA PHE A 84 -2.42 10.42 11.56
C PHE A 84 -1.88 10.27 12.97
N THR A 85 -1.27 9.13 13.27
CA THR A 85 -0.76 8.87 14.60
C THR A 85 0.50 9.63 15.02
N ASN A 86 1.32 10.06 14.06
CA ASN A 86 2.55 10.75 14.43
C ASN A 86 2.51 12.27 14.35
N VAL A 87 1.69 12.82 13.48
CA VAL A 87 1.61 14.27 13.34
C VAL A 87 0.19 14.77 13.08
N ASN A 88 -0.78 13.97 13.52
CA ASN A 88 -2.20 14.29 13.36
C ASN A 88 -2.56 14.76 11.96
N SER A 89 -2.03 14.06 10.96
CA SER A 89 -2.31 14.35 9.56
C SER A 89 -1.79 15.70 9.06
N ARG A 90 -1.03 16.40 9.89
CA ARG A 90 -0.50 17.71 9.51
C ARG A 90 0.39 17.62 8.27
N MET A 91 1.17 16.54 8.19
CA MET A 91 2.08 16.31 7.07
C MET A 91 2.07 14.84 6.69
N LEU A 92 2.69 14.50 5.56
CA LEU A 92 2.76 13.11 5.13
C LEU A 92 4.03 12.49 5.68
N TYR A 93 3.85 11.58 6.63
CA TYR A 93 4.95 10.88 7.30
C TYR A 93 5.35 9.64 6.51
N PHE A 94 6.04 9.85 5.39
CA PHE A 94 6.47 8.71 4.58
C PHE A 94 7.42 7.88 5.43
N ALA A 95 8.28 8.57 6.17
CA ALA A 95 9.26 7.93 7.05
C ALA A 95 9.74 8.98 8.04
N PRO A 96 10.35 8.55 9.16
CA PRO A 96 10.83 9.52 10.15
C PRO A 96 11.78 10.54 9.52
N ASP A 97 12.53 10.12 8.52
CA ASP A 97 13.49 11.00 7.85
C ASP A 97 13.00 11.50 6.49
N LEU A 98 11.71 11.31 6.22
CA LEU A 98 11.15 11.78 4.97
C LEU A 98 9.71 12.23 5.23
N VAL A 99 9.58 13.40 5.85
CA VAL A 99 8.28 13.95 6.17
C VAL A 99 7.97 15.04 5.16
N PHE A 100 6.83 14.94 4.48
CA PHE A 100 6.44 15.90 3.46
C PHE A 100 5.53 17.00 3.96
N ASN A 101 5.99 18.24 3.84
CA ASN A 101 5.16 19.40 4.20
C ASN A 101 4.63 19.86 2.84
N GLU A 102 3.83 20.93 2.82
CA GLU A 102 3.27 21.41 1.55
C GLU A 102 4.34 21.76 0.53
N TYR A 103 5.45 22.36 0.99
CA TYR A 103 6.52 22.73 0.07
C TYR A 103 7.08 21.50 -0.67
N ARG A 104 7.30 20.41 0.05
CA ARG A 104 7.82 19.20 -0.58
C ARG A 104 6.77 18.57 -1.48
N MET A 105 5.51 18.65 -1.07
CA MET A 105 4.44 18.11 -1.88
C MET A 105 4.51 18.77 -3.25
N HIS A 106 4.77 20.07 -3.26
CA HIS A 106 4.85 20.83 -4.51
C HIS A 106 6.15 20.59 -5.27
N LYS A 107 7.27 20.56 -4.56
CA LYS A 107 8.56 20.37 -5.21
C LYS A 107 8.64 19.00 -5.89
N SER A 108 7.98 18.01 -5.30
CA SER A 108 7.98 16.65 -5.84
C SER A 108 7.05 16.52 -7.04
N ARG A 109 6.25 17.56 -7.29
CA ARG A 109 5.31 17.57 -8.40
C ARG A 109 4.21 16.51 -8.25
N MET A 110 3.97 16.08 -7.02
CA MET A 110 2.93 15.10 -6.71
C MET A 110 1.88 15.75 -5.81
N TYR A 111 1.79 17.06 -5.86
CA TYR A 111 0.86 17.79 -5.00
C TYR A 111 -0.57 17.24 -4.97
N SER A 112 -1.21 17.14 -6.13
CA SER A 112 -2.59 16.67 -6.16
C SER A 112 -2.73 15.29 -5.49
N GLN A 113 -1.76 14.41 -5.74
CA GLN A 113 -1.80 13.09 -5.15
C GLN A 113 -1.61 13.18 -3.64
N CYS A 114 -0.67 14.02 -3.20
CA CYS A 114 -0.41 14.18 -1.77
C CYS A 114 -1.61 14.74 -1.02
N VAL A 115 -2.33 15.67 -1.62
CA VAL A 115 -3.50 16.24 -0.96
C VAL A 115 -4.51 15.13 -0.68
N ARG A 116 -4.65 14.22 -1.64
CA ARG A 116 -5.57 13.09 -1.49
C ARG A 116 -5.12 12.14 -0.38
N MET A 117 -3.81 11.92 -0.26
CA MET A 117 -3.30 11.05 0.78
C MET A 117 -3.44 11.73 2.15
N ARG A 118 -3.34 13.05 2.16
CA ARG A 118 -3.47 13.79 3.40
C ARG A 118 -4.91 13.65 3.88
N HIS A 119 -5.84 13.68 2.94
CA HIS A 119 -7.26 13.55 3.26
C HIS A 119 -7.53 12.17 3.85
N LEU A 120 -6.94 11.13 3.27
CA LEU A 120 -7.09 9.77 3.77
C LEU A 120 -6.63 9.72 5.21
N SER A 121 -5.49 10.38 5.48
CA SER A 121 -4.93 10.40 6.83
C SER A 121 -5.91 11.04 7.81
N GLN A 122 -6.55 12.11 7.38
CA GLN A 122 -7.52 12.80 8.24
C GLN A 122 -8.72 11.93 8.54
N GLU A 123 -9.09 11.08 7.59
CA GLU A 123 -10.21 10.16 7.79
C GLU A 123 -10.00 9.25 8.98
N PHE A 124 -8.75 8.84 9.22
CA PHE A 124 -8.44 7.96 10.34
C PHE A 124 -8.85 8.60 11.66
N GLY A 125 -8.74 9.92 11.73
CA GLY A 125 -9.11 10.64 12.94
C GLY A 125 -10.60 10.93 12.96
N TRP A 126 -11.14 11.34 11.82
CA TRP A 126 -12.57 11.65 11.73
C TRP A 126 -13.42 10.44 12.02
N LEU A 127 -12.99 9.27 11.54
CA LEU A 127 -13.71 8.02 11.75
C LEU A 127 -13.27 7.33 13.04
N GLN A 128 -12.30 7.92 13.74
CA GLN A 128 -11.78 7.34 14.98
C GLN A 128 -11.40 5.87 14.75
N ILE A 129 -10.66 5.61 13.68
CA ILE A 129 -10.24 4.25 13.37
C ILE A 129 -9.34 3.73 14.50
N THR A 130 -9.64 2.54 15.00
CA THR A 130 -8.84 1.95 16.06
C THR A 130 -7.63 1.24 15.49
N PRO A 131 -6.59 1.02 16.31
CA PRO A 131 -5.39 0.33 15.83
C PRO A 131 -5.71 -1.07 15.32
N GLN A 132 -6.68 -1.74 15.94
CA GLN A 132 -7.07 -3.08 15.53
C GLN A 132 -7.85 -3.06 14.21
N GLU A 133 -8.67 -2.03 14.00
CA GLU A 133 -9.42 -1.92 12.77
C GLU A 133 -8.42 -1.63 11.66
N PHE A 134 -7.41 -0.79 11.95
CA PHE A 134 -6.40 -0.45 10.97
C PHE A 134 -5.66 -1.72 10.51
N LEU A 135 -5.28 -2.56 11.46
CA LEU A 135 -4.57 -3.80 11.12
C LEU A 135 -5.40 -4.74 10.26
N CYS A 136 -6.67 -4.94 10.61
CA CYS A 136 -7.49 -5.83 9.80
C CYS A 136 -7.73 -5.25 8.40
N MET A 137 -7.97 -3.95 8.32
CA MET A 137 -8.21 -3.33 7.01
C MET A 137 -6.98 -3.42 6.11
N LYS A 138 -5.80 -3.20 6.68
CA LYS A 138 -4.57 -3.26 5.89
C LYS A 138 -4.38 -4.67 5.35
N ALA A 139 -4.69 -5.66 6.18
CA ALA A 139 -4.58 -7.05 5.76
C ALA A 139 -5.55 -7.33 4.62
N LEU A 140 -6.77 -6.81 4.73
CA LEU A 140 -7.78 -7.00 3.69
C LEU A 140 -7.36 -6.29 2.40
N LEU A 141 -6.59 -5.21 2.54
CA LEU A 141 -6.14 -4.44 1.39
C LEU A 141 -5.24 -5.28 0.47
N LEU A 142 -4.54 -6.24 1.05
CA LEU A 142 -3.65 -7.11 0.26
C LEU A 142 -4.43 -8.01 -0.69
N PHE A 143 -5.68 -8.29 -0.34
CA PHE A 143 -6.52 -9.17 -1.16
C PHE A 143 -7.65 -8.38 -1.84
N SER A 144 -7.35 -7.17 -2.28
CA SER A 144 -8.35 -6.31 -2.91
C SER A 144 -8.09 -5.91 -4.37
N ILE A 145 -7.15 -6.59 -5.02
CA ILE A 145 -6.88 -6.29 -6.43
C ILE A 145 -6.43 -7.55 -7.17
N ILE A 146 -7.19 -7.94 -8.19
CA ILE A 146 -6.87 -9.15 -8.95
C ILE A 146 -7.06 -9.01 -10.46
N PRO A 147 -6.46 -9.93 -11.23
CA PRO A 147 -6.54 -9.95 -12.70
C PRO A 147 -7.92 -10.40 -13.18
N VAL A 148 -8.42 -9.77 -14.23
CA VAL A 148 -9.72 -10.14 -14.77
C VAL A 148 -9.69 -11.57 -15.31
N ASP A 149 -8.51 -12.01 -15.75
CA ASP A 149 -8.37 -13.36 -16.28
C ASP A 149 -8.26 -14.37 -15.13
N GLY A 150 -8.43 -13.88 -13.91
CA GLY A 150 -8.37 -14.74 -12.74
C GLY A 150 -6.98 -15.14 -12.29
N LEU A 151 -6.91 -15.70 -11.08
CA LEU A 151 -5.66 -16.15 -10.49
C LEU A 151 -5.46 -17.64 -10.74
N LYS A 152 -4.25 -18.13 -10.49
CA LYS A 152 -3.94 -19.55 -10.69
C LYS A 152 -4.96 -20.41 -9.97
N ASN A 153 -5.28 -20.06 -8.72
CA ASN A 153 -6.26 -20.77 -7.92
C ASN A 153 -7.16 -19.74 -7.25
N GLN A 154 -8.13 -19.24 -8.02
CA GLN A 154 -9.06 -18.22 -7.56
C GLN A 154 -9.88 -18.66 -6.37
N LYS A 155 -10.21 -19.96 -6.30
CA LYS A 155 -11.00 -20.49 -5.19
C LYS A 155 -10.35 -20.20 -3.84
N PHE A 156 -9.07 -20.56 -3.69
CA PHE A 156 -8.37 -20.34 -2.43
C PHE A 156 -8.25 -18.86 -2.08
N PHE A 157 -8.13 -18.01 -3.10
CA PHE A 157 -8.04 -16.57 -2.87
C PHE A 157 -9.37 -16.06 -2.33
N ASP A 158 -10.46 -16.44 -2.98
CA ASP A 158 -11.79 -16.01 -2.54
C ASP A 158 -12.08 -16.44 -1.11
N GLU A 159 -11.63 -17.63 -0.74
CA GLU A 159 -11.84 -18.14 0.61
C GLU A 159 -11.04 -17.31 1.62
N LEU A 160 -9.79 -17.01 1.27
CA LEU A 160 -8.95 -16.22 2.16
C LEU A 160 -9.55 -14.82 2.32
N ARG A 161 -9.97 -14.22 1.22
CA ARG A 161 -10.55 -12.89 1.30
C ARG A 161 -11.81 -12.91 2.17
N MET A 162 -12.66 -13.89 1.96
CA MET A 162 -13.89 -14.01 2.73
C MET A 162 -13.59 -14.09 4.23
N ASN A 163 -12.55 -14.85 4.59
CA ASN A 163 -12.18 -15.01 5.99
C ASN A 163 -11.69 -13.70 6.62
N TYR A 164 -11.00 -12.86 5.84
CA TYR A 164 -10.54 -11.60 6.39
C TYR A 164 -11.69 -10.63 6.60
N ILE A 165 -12.70 -10.70 5.73
CA ILE A 165 -13.85 -9.82 5.88
C ILE A 165 -14.62 -10.27 7.12
N LYS A 166 -14.63 -11.57 7.37
CA LYS A 166 -15.31 -12.10 8.55
C LYS A 166 -14.63 -11.61 9.83
N GLU A 167 -13.30 -11.56 9.81
CA GLU A 167 -12.55 -11.09 10.96
C GLU A 167 -12.84 -9.62 11.21
N LEU A 168 -13.03 -8.84 10.15
CA LEU A 168 -13.34 -7.43 10.30
C LEU A 168 -14.69 -7.26 10.98
N ASP A 169 -15.64 -8.14 10.64
CA ASP A 169 -16.97 -8.11 11.25
C ASP A 169 -16.89 -8.33 12.75
N ARG A 170 -16.09 -9.31 13.15
CA ARG A 170 -15.91 -9.65 14.56
C ARG A 170 -15.31 -8.49 15.34
N ILE A 171 -14.39 -7.77 14.69
CA ILE A 171 -13.74 -6.63 15.32
C ILE A 171 -14.75 -5.50 15.47
N ILE A 172 -15.64 -5.37 14.49
CA ILE A 172 -16.67 -4.34 14.54
C ILE A 172 -17.67 -4.65 15.63
N ALA A 173 -18.11 -5.90 15.69
CA ALA A 173 -19.08 -6.32 16.70
C ALA A 173 -18.54 -6.06 18.10
N THR A 180 -27.55 -2.12 14.24
CA THR A 180 -27.50 -0.98 13.32
C THR A 180 -26.16 -0.26 13.44
N SER A 181 -25.56 -0.36 14.62
CA SER A 181 -24.27 0.28 14.86
C SER A 181 -23.19 -0.45 14.05
N CYS A 182 -23.27 -1.78 14.04
CA CYS A 182 -22.31 -2.60 13.30
C CYS A 182 -22.40 -2.31 11.80
N SER A 183 -23.62 -2.31 11.27
CA SER A 183 -23.82 -2.05 9.85
C SER A 183 -23.30 -0.68 9.47
N ARG A 184 -23.54 0.32 10.30
CA ARG A 184 -23.07 1.66 10.02
C ARG A 184 -21.55 1.71 9.98
N ARG A 185 -20.92 0.99 10.91
CA ARG A 185 -19.46 0.95 10.99
C ARG A 185 -18.87 0.24 9.78
N PHE A 186 -19.47 -0.88 9.39
CA PHE A 186 -18.98 -1.63 8.24
C PHE A 186 -19.09 -0.75 7.00
N TYR A 187 -20.15 0.05 6.95
CA TYR A 187 -20.35 0.94 5.82
C TYR A 187 -19.20 1.95 5.70
N GLN A 188 -18.86 2.62 6.81
CA GLN A 188 -17.79 3.60 6.74
C GLN A 188 -16.40 3.00 6.51
N LEU A 189 -16.15 1.82 7.07
CA LEU A 189 -14.85 1.20 6.87
C LEU A 189 -14.68 0.72 5.43
N THR A 190 -15.73 0.15 4.86
CA THR A 190 -15.64 -0.31 3.47
C THR A 190 -15.51 0.90 2.54
N LYS A 191 -16.11 2.02 2.90
CA LYS A 191 -15.99 3.23 2.07
C LYS A 191 -14.54 3.69 2.14
N LEU A 192 -13.98 3.67 3.36
CA LEU A 192 -12.59 4.10 3.54
C LEU A 192 -11.67 3.22 2.69
N LEU A 193 -11.86 1.90 2.77
CA LEU A 193 -11.05 0.97 2.01
C LEU A 193 -11.17 1.25 0.51
N ASP A 194 -12.38 1.51 0.03
CA ASP A 194 -12.57 1.82 -1.38
C ASP A 194 -11.81 3.09 -1.78
N SER A 195 -11.76 4.07 -0.88
CA SER A 195 -11.11 5.34 -1.17
C SER A 195 -9.60 5.21 -1.42
N VAL A 196 -9.01 4.11 -0.97
CA VAL A 196 -7.58 3.89 -1.18
C VAL A 196 -7.27 3.62 -2.64
N GLN A 197 -8.14 2.87 -3.31
CA GLN A 197 -7.96 2.48 -4.70
C GLN A 197 -7.77 3.60 -5.72
N PRO A 198 -8.62 4.64 -5.70
CA PRO A 198 -8.43 5.71 -6.68
C PRO A 198 -7.09 6.41 -6.47
N ILE A 199 -6.72 6.55 -5.20
CA ILE A 199 -5.47 7.18 -4.84
C ILE A 199 -4.30 6.34 -5.37
N ALA A 200 -4.35 5.03 -5.15
CA ALA A 200 -3.29 4.15 -5.63
C ALA A 200 -3.21 4.18 -7.15
N ARG A 201 -4.36 4.34 -7.82
CA ARG A 201 -4.34 4.37 -9.27
C ARG A 201 -3.61 5.62 -9.76
N GLU A 202 -3.86 6.76 -9.11
CA GLU A 202 -3.20 8.01 -9.46
C GLU A 202 -1.69 7.88 -9.29
N LEU A 203 -1.28 7.25 -8.19
CA LEU A 203 0.15 7.06 -7.93
C LEU A 203 0.73 6.06 -8.93
N HIS A 204 -0.04 5.05 -9.29
CA HIS A 204 0.40 4.06 -10.26
C HIS A 204 0.72 4.79 -11.57
N GLN A 205 -0.16 5.70 -11.96
CA GLN A 205 0.05 6.45 -13.19
C GLN A 205 1.27 7.33 -13.07
N PHE A 206 1.39 8.02 -11.93
CA PHE A 206 2.52 8.91 -11.70
C PHE A 206 3.87 8.19 -11.74
N THR A 207 3.97 7.09 -11.01
CA THR A 207 5.24 6.35 -10.99
C THR A 207 5.54 5.74 -12.36
N PHE A 208 4.50 5.32 -13.07
CA PHE A 208 4.68 4.76 -14.42
C PHE A 208 5.32 5.82 -15.31
N ASP A 209 4.72 7.00 -15.37
CA ASP A 209 5.24 8.10 -16.19
C ASP A 209 6.66 8.47 -15.77
N LEU A 210 6.91 8.51 -14.46
CA LEU A 210 8.23 8.85 -13.93
C LEU A 210 9.29 7.82 -14.36
N LEU A 211 8.94 6.54 -14.34
CA LEU A 211 9.90 5.53 -14.76
C LEU A 211 10.23 5.72 -16.23
N ILE A 212 9.22 5.98 -17.04
CA ILE A 212 9.41 6.17 -18.48
C ILE A 212 10.39 7.31 -18.80
N LYS A 213 10.39 8.36 -17.98
CA LYS A 213 11.27 9.49 -18.22
C LYS A 213 12.35 9.68 -17.16
N SER A 214 12.48 8.70 -16.27
CA SER A 214 13.48 8.77 -15.20
C SER A 214 14.88 9.09 -15.69
N HIS A 215 15.25 8.54 -16.84
CA HIS A 215 16.58 8.77 -17.41
C HIS A 215 16.83 10.23 -17.77
N MET A 216 15.75 10.98 -17.97
CA MET A 216 15.86 12.38 -18.35
C MET A 216 15.68 13.32 -17.17
N VAL A 217 15.04 12.84 -16.10
CA VAL A 217 14.82 13.66 -14.92
C VAL A 217 15.75 13.31 -13.77
N SER A 218 16.67 12.38 -14.03
CA SER A 218 17.64 11.96 -13.02
C SER A 218 17.04 11.35 -11.76
N VAL A 219 16.01 10.53 -11.92
CA VAL A 219 15.39 9.88 -10.77
C VAL A 219 15.77 8.41 -10.85
N ASP A 220 16.30 7.88 -9.76
CA ASP A 220 16.73 6.48 -9.76
C ASP A 220 15.65 5.54 -9.23
N PHE A 221 15.50 4.42 -9.91
CA PHE A 221 14.52 3.39 -9.52
C PHE A 221 15.27 2.10 -9.19
N PRO A 222 15.08 1.58 -7.97
CA PRO A 222 15.76 0.33 -7.59
C PRO A 222 15.26 -0.79 -8.49
N GLU A 223 16.08 -1.82 -8.65
CA GLU A 223 15.78 -2.96 -9.52
C GLU A 223 14.37 -3.57 -9.39
N MET A 224 14.00 -4.04 -8.20
CA MET A 224 12.68 -4.65 -8.02
C MET A 224 11.52 -3.74 -8.42
N MET A 225 11.58 -2.48 -7.99
CA MET A 225 10.52 -1.53 -8.32
C MET A 225 10.40 -1.32 -9.81
N ALA A 226 11.52 -1.03 -10.46
CA ALA A 226 11.54 -0.80 -11.89
C ALA A 226 10.80 -1.91 -12.62
N GLU A 227 11.09 -3.15 -12.23
CA GLU A 227 10.47 -4.31 -12.84
C GLU A 227 8.98 -4.38 -12.57
N ILE A 228 8.57 -4.17 -11.32
CA ILE A 228 7.14 -4.21 -10.99
C ILE A 228 6.38 -3.13 -11.77
N ILE A 229 6.99 -1.95 -11.84
CA ILE A 229 6.37 -0.81 -12.52
C ILE A 229 6.31 -0.93 -14.03
N SER A 230 7.20 -1.72 -14.62
CA SER A 230 7.20 -1.86 -16.07
C SER A 230 6.44 -3.11 -16.52
N VAL A 231 6.20 -4.04 -15.60
CA VAL A 231 5.51 -5.28 -15.95
C VAL A 231 4.12 -5.41 -15.33
N GLN A 232 3.99 -5.16 -14.02
CA GLN A 232 2.71 -5.28 -13.35
C GLN A 232 1.84 -4.03 -13.38
N VAL A 233 2.42 -2.88 -13.09
CA VAL A 233 1.65 -1.64 -13.07
C VAL A 233 0.89 -1.37 -14.38
N PRO A 234 1.52 -1.63 -15.55
CA PRO A 234 0.81 -1.38 -16.82
C PRO A 234 -0.47 -2.22 -16.95
N LYS A 235 -0.47 -3.41 -16.36
CA LYS A 235 -1.63 -4.28 -16.41
C LYS A 235 -2.78 -3.64 -15.64
N ILE A 236 -2.44 -2.90 -14.58
CA ILE A 236 -3.46 -2.21 -13.81
C ILE A 236 -3.93 -1.02 -14.67
N LEU A 237 -2.98 -0.25 -15.18
CA LEU A 237 -3.30 0.92 -16.00
C LEU A 237 -4.07 0.59 -17.29
N SER A 238 -3.87 -0.62 -17.82
CA SER A 238 -4.56 -1.02 -19.05
C SER A 238 -5.88 -1.76 -18.81
N GLY A 239 -6.30 -1.82 -17.55
CA GLY A 239 -7.55 -2.49 -17.21
C GLY A 239 -7.56 -4.00 -17.13
N LYS A 240 -6.38 -4.62 -17.12
CA LYS A 240 -6.29 -6.07 -17.05
C LYS A 240 -6.42 -6.55 -15.61
N VAL A 241 -5.97 -5.72 -14.68
CA VAL A 241 -6.02 -6.03 -13.26
C VAL A 241 -6.84 -4.90 -12.64
N LYS A 242 -7.85 -5.25 -11.86
CA LYS A 242 -8.71 -4.24 -11.26
C LYS A 242 -8.99 -4.48 -9.80
N PRO A 243 -9.20 -3.40 -9.04
CA PRO A 243 -9.50 -3.54 -7.62
C PRO A 243 -10.92 -4.04 -7.38
N ILE A 244 -11.11 -4.68 -6.23
CA ILE A 244 -12.42 -5.19 -5.87
C ILE A 244 -13.02 -4.11 -4.97
N TYR A 245 -14.03 -3.42 -5.47
CA TYR A 245 -14.67 -2.39 -4.67
C TYR A 245 -15.84 -2.97 -3.92
N PHE A 246 -16.12 -2.43 -2.75
CA PHE A 246 -17.25 -2.89 -1.96
C PHE A 246 -18.48 -2.22 -2.55
N HIS A 247 -18.34 -0.92 -2.83
CA HIS A 247 -19.42 -0.13 -3.40
C HIS A 247 -19.09 0.18 -4.85
N THR A 248 -20.08 0.60 -5.62
CA THR A 248 -19.84 0.90 -7.01
C THR A 248 -19.45 2.36 -7.20
N GLY B 15 8.75 -13.68 -14.61
CA GLY B 15 8.67 -13.58 -13.11
C GLY B 15 9.73 -12.68 -12.52
N ASN B 16 9.37 -11.96 -11.46
CA ASN B 16 10.29 -11.06 -10.79
C ASN B 16 11.30 -11.85 -9.95
N ALA B 17 12.44 -12.15 -10.54
CA ALA B 17 13.50 -12.92 -9.89
C ALA B 17 13.85 -12.49 -8.47
N ALA B 18 14.19 -11.21 -8.31
CA ALA B 18 14.56 -10.69 -7.00
C ALA B 18 13.41 -10.84 -5.99
N LEU B 19 12.19 -10.62 -6.45
CA LEU B 19 11.02 -10.72 -5.59
C LEU B 19 10.75 -12.17 -5.20
N ARG B 20 10.77 -13.07 -6.16
CA ARG B 20 10.51 -14.48 -5.87
C ARG B 20 11.51 -14.99 -4.83
N TYR B 21 12.75 -14.50 -4.91
CA TYR B 21 13.78 -14.91 -3.97
C TYR B 21 13.37 -14.54 -2.55
N LEU B 22 12.94 -13.29 -2.36
CA LEU B 22 12.52 -12.81 -1.05
C LEU B 22 11.34 -13.61 -0.53
N LEU B 23 10.44 -13.97 -1.44
CA LEU B 23 9.25 -14.74 -1.09
C LEU B 23 9.59 -16.14 -0.60
N GLY B 24 10.55 -16.79 -1.26
CA GLY B 24 10.92 -18.14 -0.88
C GLY B 24 12.10 -18.21 0.06
N ALA B 25 12.63 -17.05 0.45
CA ALA B 25 13.78 -16.98 1.35
C ALA B 25 13.31 -17.13 2.80
C1 R18 C . 6.92 5.10 -0.18
C2 R18 C . 6.30 4.41 1.04
C3 R18 C . 5.14 5.20 1.62
C4 R18 C . 4.17 5.68 0.65
C5 R18 C . 4.48 5.86 -0.67
C6 R18 C . 3.38 6.36 -1.63
C7 R18 C . 3.97 7.15 -2.80
C8 R18 C . 5.01 6.26 -3.56
C9 R18 C . 6.14 5.77 -2.57
C10 R18 C . 5.87 5.59 -1.23
C11 R18 C . 7.48 5.51 -3.19
C12 R18 C . 7.76 5.68 -4.50
C13 R18 C . 6.70 6.19 -5.51
C14 R18 C . 5.64 7.03 -4.72
C15 R18 C . 4.68 7.56 -5.83
C16 R18 C . 5.65 7.70 -7.03
C17 R18 C . 7.09 7.26 -6.57
C18 R18 C . 6.04 4.92 -6.15
C27 R18 C . 7.82 8.46 -5.99
O83 R18 C . 5.01 5.40 2.83
O97 R18 C . 7.79 6.73 -7.70
#